data_5YJH
#
_entry.id   5YJH
#
_cell.length_a   105.529
_cell.length_b   105.529
_cell.length_c   330.342
_cell.angle_alpha   90.00
_cell.angle_beta   90.00
_cell.angle_gamma   120.00
#
_symmetry.space_group_name_H-M   'P 61 2 2'
#
loop_
_entity.id
_entity.type
_entity.pdbx_description
1 polymer Periostin
2 non-polymer 'SODIUM ION'
3 non-polymer 'CHLORIDE ION'
4 non-polymer 'MAGNESIUM ION'
5 non-polymer 'CALCIUM ION'
6 non-polymer 'ZINC ION'
7 water water
#
_entity_poly.entity_id   1
_entity_poly.type   'polypeptide(L)'
_entity_poly.pdbx_seq_one_letter_code
;APGDPRENNHYDKILAHSRIRGRDQGPNVCALQQILGTKKKYFSTAKNWYKKSICGQKTTVLYECCPGYMRMEGMKGCPA
VLPIDHVYGTLGIVGATTTQRYSDASKLREEIEGKGSFTYFAPSNEAWDNLDSDIRRGLESNVNVELLNALHSHMINKRM
LTKDLKNGMIIPSMYNNLGLFINHYPNGVVTVNCARIIHGNQIATNGVVHVIDRVLTQIGTSIQDFIEAEDDLSSFRAAA
ITSDILEALGRDGHFTLFAPTNEAFEKLPRGVLERIMGDKVASEALMKYHILNTLQCSESIMGGAVFETLEGNTIEIGCD
GDSITVNGIKMVNKKDIVTNNGVIHLIDQVLIPDSAKQVIELAGKQQTTFTDLVAQLGLASALRPDGEYTLLAPVNNAFS
DDTLSMDQRLLKLILQNHILKVKVGLNELYNGQILETIGGKQLRVFVYRTAVCIENSCMEKGSKQGRNGAIHIFREIIKP
AEKSLHEKLKQDKRFSTFLSLLEAADLKELLTQPGDWTLFVPTNDAFKGMTSEEKEILIRDKNALQNIILYHLTPGVFIG
KGFEPGVTNILKTTQGSKIFLKEVNDTLLVNELKSKESDIMTTNGVIHVVDKLLYPAAAHHHHHHH
;
_entity_poly.pdbx_strand_id   A
#
# COMPACT_ATOMS: atom_id res chain seq x y z
N ASP A 24 32.36 -17.41 19.40
CA ASP A 24 32.13 -15.97 19.49
C ASP A 24 32.67 -15.26 18.25
N GLN A 25 33.99 -15.12 18.20
CA GLN A 25 34.66 -14.47 17.09
C GLN A 25 35.87 -15.29 16.72
N GLY A 26 36.30 -15.21 15.47
CA GLY A 26 37.44 -15.96 14.99
C GLY A 26 37.11 -16.60 13.66
N PRO A 27 38.04 -17.42 13.15
CA PRO A 27 37.84 -18.11 11.87
C PRO A 27 36.88 -19.29 12.01
N ASN A 28 36.04 -19.45 10.99
CA ASN A 28 35.16 -20.61 10.87
C ASN A 28 34.21 -20.72 12.06
N VAL A 29 33.70 -19.58 12.52
CA VAL A 29 32.68 -19.53 13.56
C VAL A 29 31.33 -19.38 12.89
N CYS A 30 30.39 -20.24 13.25
CA CYS A 30 29.05 -20.25 12.69
C CYS A 30 28.03 -19.87 13.76
N ALA A 31 27.01 -19.12 13.33
CA ALA A 31 25.99 -18.58 14.22
C ALA A 31 24.62 -19.10 13.81
N LEU A 32 23.90 -19.66 14.79
CA LEU A 32 22.53 -20.15 14.61
C LEU A 32 21.60 -19.20 15.33
N GLN A 33 20.83 -18.43 14.57
CA GLN A 33 19.90 -17.45 15.12
C GLN A 33 18.51 -18.06 15.24
N GLN A 34 17.79 -17.68 16.30
CA GLN A 34 16.40 -18.08 16.46
C GLN A 34 15.59 -16.82 16.73
N ILE A 35 14.57 -16.58 15.90
CA ILE A 35 13.73 -15.40 16.09
C ILE A 35 13.01 -15.49 17.42
N LEU A 36 13.14 -14.45 18.23
CA LEU A 36 12.63 -14.48 19.59
C LEU A 36 11.12 -14.65 19.58
N GLY A 37 10.63 -15.61 20.38
CA GLY A 37 9.23 -15.95 20.41
C GLY A 37 8.76 -16.87 19.31
N THR A 38 9.65 -17.34 18.46
CA THR A 38 9.33 -18.27 17.38
C THR A 38 10.32 -19.42 17.41
N LYS A 39 9.98 -20.47 16.66
CA LYS A 39 10.87 -21.61 16.46
C LYS A 39 11.67 -21.53 15.17
N LYS A 40 11.56 -20.42 14.43
CA LYS A 40 12.31 -20.26 13.19
C LYS A 40 13.79 -20.13 13.46
N LYS A 41 14.62 -20.82 12.69
CA LYS A 41 16.07 -20.79 12.90
C LYS A 41 16.80 -20.52 11.59
N TYR A 42 17.85 -19.72 11.70
CA TYR A 42 18.68 -19.34 10.58
C TYR A 42 20.10 -19.64 10.91
N PHE A 43 20.78 -20.38 10.06
CA PHE A 43 22.15 -20.74 10.29
C PHE A 43 22.98 -20.12 9.22
N SER A 44 24.07 -19.49 9.64
CA SER A 44 24.98 -18.90 8.68
C SER A 44 26.33 -18.73 9.34
N THR A 45 27.36 -18.48 8.53
CA THR A 45 28.65 -18.18 9.09
C THR A 45 28.60 -16.86 9.84
N ALA A 46 29.32 -16.77 10.96
CA ALA A 46 29.39 -15.53 11.71
C ALA A 46 30.11 -14.48 10.89
N LYS A 47 29.36 -13.54 10.34
CA LYS A 47 29.90 -12.47 9.51
C LYS A 47 30.10 -11.23 10.36
N ASN A 48 30.15 -10.06 9.71
CA ASN A 48 30.33 -8.79 10.40
C ASN A 48 29.03 -8.10 10.76
N TRP A 49 27.94 -8.39 10.04
CA TRP A 49 26.67 -7.71 10.27
C TRP A 49 25.52 -8.68 10.01
N TYR A 50 24.94 -9.21 11.08
CA TYR A 50 23.67 -9.93 10.96
C TYR A 50 22.75 -9.66 12.15
N LYS A 51 23.08 -8.72 13.04
CA LYS A 51 22.20 -8.38 14.15
C LYS A 51 20.89 -7.76 13.70
N LYS A 52 20.67 -7.65 12.40
CA LYS A 52 19.42 -7.07 11.94
C LYS A 52 18.32 -8.01 12.39
N SER A 53 17.19 -7.44 12.79
CA SER A 53 16.05 -8.23 13.23
C SER A 53 15.29 -8.80 12.03
N ILE A 54 14.67 -9.94 12.25
CA ILE A 54 13.92 -10.62 11.21
C ILE A 54 12.47 -10.70 11.60
N CYS A 55 11.60 -10.35 10.68
CA CYS A 55 10.18 -10.44 10.93
C CYS A 55 9.69 -9.71 12.13
N GLY A 56 10.27 -8.54 12.37
CA GLY A 56 9.85 -7.67 13.44
C GLY A 56 10.34 -7.99 14.83
N GLN A 57 11.19 -8.99 14.95
CA GLN A 57 11.68 -9.39 16.22
C GLN A 57 13.14 -9.62 16.19
N LYS A 58 13.81 -9.47 17.31
CA LYS A 58 15.23 -9.76 17.36
C LYS A 58 15.44 -11.26 17.49
N THR A 59 16.70 -11.70 17.52
CA THR A 59 17.03 -13.11 17.57
C THR A 59 17.99 -13.42 18.71
N THR A 60 17.90 -14.64 19.21
CA THR A 60 18.91 -15.20 20.11
C THR A 60 19.90 -16.00 19.27
N VAL A 61 21.19 -15.69 19.42
CA VAL A 61 22.24 -16.27 18.59
C VAL A 61 22.99 -17.32 19.38
N LEU A 62 23.38 -18.40 18.71
CA LEU A 62 24.14 -19.49 19.30
C LEU A 62 25.41 -19.68 18.47
N TYR A 63 26.57 -19.45 19.09
CA TYR A 63 27.86 -19.49 18.41
C TYR A 63 28.52 -20.84 18.62
N GLU A 64 28.95 -21.46 17.52
CA GLU A 64 29.72 -22.71 17.62
C GLU A 64 30.56 -22.85 16.37
N CYS A 65 31.55 -23.74 16.43
CA CYS A 65 32.36 -24.03 15.26
C CYS A 65 31.50 -24.55 14.13
N CYS A 66 31.75 -24.06 12.93
CA CYS A 66 31.06 -24.58 11.76
C CYS A 66 31.29 -26.09 11.67
N PRO A 67 30.27 -26.86 11.30
CA PRO A 67 30.41 -28.32 11.34
C PRO A 67 31.59 -28.80 10.50
N GLY A 68 32.42 -29.65 11.12
CA GLY A 68 33.67 -30.08 10.54
C GLY A 68 34.88 -29.30 11.01
N TYR A 69 34.68 -28.16 11.64
CA TYR A 69 35.78 -27.32 12.11
C TYR A 69 35.94 -27.46 13.62
N MET A 70 37.18 -27.34 14.08
CA MET A 70 37.55 -27.62 15.47
C MET A 70 38.36 -26.46 16.04
N ARG A 71 38.24 -26.28 17.35
CA ARG A 71 39.07 -25.33 18.06
C ARG A 71 40.45 -25.90 18.32
N MET A 72 41.42 -25.01 18.51
CA MET A 72 42.77 -25.38 18.93
C MET A 72 43.13 -24.57 20.17
N GLU A 73 44.14 -25.06 20.88
CA GLU A 73 44.57 -24.40 22.12
C GLU A 73 45.19 -23.04 21.82
N GLY A 74 44.74 -22.03 22.55
CA GLY A 74 45.34 -20.71 22.49
C GLY A 74 45.05 -19.97 21.21
N MET A 75 44.09 -20.50 20.45
CA MET A 75 43.73 -19.98 19.15
C MET A 75 42.30 -19.45 19.18
N LYS A 76 42.07 -18.31 18.56
CA LYS A 76 40.74 -17.74 18.48
C LYS A 76 39.96 -18.41 17.35
N GLY A 77 38.67 -18.64 17.57
CA GLY A 77 37.84 -19.27 16.55
C GLY A 77 38.09 -20.76 16.44
N CYS A 78 37.96 -21.27 15.21
CA CYS A 78 38.16 -22.69 14.92
C CYS A 78 39.11 -22.82 13.74
N PRO A 79 40.41 -22.64 13.97
CA PRO A 79 41.38 -22.70 12.85
C PRO A 79 41.54 -24.07 12.23
N ALA A 80 41.09 -25.13 12.90
CA ALA A 80 41.32 -26.50 12.45
C ALA A 80 40.07 -27.09 11.84
N VAL A 81 40.25 -27.96 10.85
CA VAL A 81 39.15 -28.61 10.16
C VAL A 81 39.39 -30.11 10.12
N LEU A 82 38.30 -30.85 10.20
CA LEU A 82 38.22 -32.29 10.04
C LEU A 82 37.98 -32.64 8.58
N PRO A 83 38.43 -33.81 8.14
CA PRO A 83 38.16 -34.22 6.75
C PRO A 83 36.69 -34.49 6.53
N ILE A 84 36.25 -34.24 5.29
CA ILE A 84 34.85 -34.46 4.96
C ILE A 84 34.54 -35.95 4.97
N ASP A 85 33.26 -36.27 5.15
CA ASP A 85 32.74 -37.62 5.13
C ASP A 85 31.81 -37.77 3.93
N HIS A 86 31.22 -38.94 3.80
CA HIS A 86 30.21 -39.14 2.77
C HIS A 86 28.89 -38.49 3.21
N VAL A 87 27.88 -38.61 2.36
CA VAL A 87 26.59 -37.99 2.66
C VAL A 87 26.01 -38.55 3.95
N TYR A 88 26.07 -39.88 4.13
CA TYR A 88 25.50 -40.48 5.34
C TYR A 88 26.17 -39.94 6.60
N GLY A 89 27.50 -39.95 6.64
CA GLY A 89 28.18 -39.38 7.78
C GLY A 89 27.92 -37.90 7.94
N THR A 90 27.73 -37.19 6.83
CA THR A 90 27.44 -35.76 6.91
C THR A 90 26.08 -35.50 7.54
N LEU A 91 25.11 -36.40 7.35
CA LEU A 91 23.84 -36.30 8.05
C LEU A 91 24.06 -36.14 9.55
N GLY A 92 24.88 -37.00 10.14
CA GLY A 92 25.23 -36.84 11.54
C GLY A 92 26.08 -35.63 11.80
N ILE A 93 26.90 -35.22 10.83
CA ILE A 93 27.76 -34.05 11.01
C ILE A 93 26.92 -32.79 11.12
N VAL A 94 25.93 -32.64 10.24
CA VAL A 94 25.09 -31.45 10.23
C VAL A 94 24.12 -31.41 11.40
N GLY A 95 23.97 -32.51 12.12
CA GLY A 95 23.07 -32.57 13.25
C GLY A 95 21.73 -33.21 12.99
N ALA A 96 21.55 -33.92 11.88
CA ALA A 96 20.29 -34.64 11.66
C ALA A 96 20.57 -36.09 12.01
N THR A 97 20.09 -36.50 13.18
CA THR A 97 20.16 -37.90 13.56
C THR A 97 19.00 -38.70 12.99
N THR A 98 17.82 -38.07 12.89
CA THR A 98 16.64 -38.80 12.46
C THR A 98 16.71 -39.15 10.99
N THR A 99 17.11 -38.21 10.15
CA THR A 99 17.33 -38.52 8.74
C THR A 99 18.37 -39.60 8.58
N GLN A 100 19.42 -39.55 9.40
CA GLN A 100 20.43 -40.61 9.38
C GLN A 100 19.80 -41.97 9.70
N ARG A 101 19.02 -42.04 10.78
CA ARG A 101 18.44 -43.31 11.18
C ARG A 101 17.48 -43.84 10.12
N TYR A 102 16.64 -42.98 9.54
CA TYR A 102 15.75 -43.45 8.49
C TYR A 102 16.53 -43.91 7.26
N SER A 103 17.62 -43.21 6.95
CA SER A 103 18.48 -43.66 5.85
C SER A 103 19.09 -45.02 6.14
N ASP A 104 19.39 -45.30 7.42
CA ASP A 104 19.94 -46.59 7.81
C ASP A 104 18.88 -47.68 7.75
N ALA A 105 17.64 -47.37 8.16
CA ALA A 105 16.60 -48.39 8.22
C ALA A 105 16.09 -48.78 6.83
N SER A 106 16.12 -47.85 5.88
CA SER A 106 15.65 -48.12 4.52
C SER A 106 16.77 -48.62 3.61
N LYS A 107 17.99 -48.81 4.14
CA LYS A 107 19.15 -49.23 3.37
C LYS A 107 19.51 -48.22 2.27
N LEU A 108 19.13 -46.96 2.49
CA LEU A 108 19.68 -45.87 1.70
C LEU A 108 21.10 -45.53 2.10
N ARG A 109 21.47 -45.85 3.35
CA ARG A 109 22.82 -45.59 3.85
C ARG A 109 23.89 -46.11 2.90
N GLU A 110 23.75 -47.37 2.48
CA GLU A 110 24.79 -47.98 1.64
C GLU A 110 24.88 -47.34 0.27
N GLU A 111 23.81 -46.73 -0.23
CA GLU A 111 23.88 -45.99 -1.48
C GLU A 111 24.59 -44.65 -1.28
N ILE A 112 24.22 -43.91 -0.23
CA ILE A 112 24.84 -42.59 0.00
C ILE A 112 26.21 -42.69 0.64
N GLU A 113 26.65 -43.89 1.04
CA GLU A 113 28.05 -44.10 1.39
C GLU A 113 28.89 -44.52 0.20
N GLY A 114 28.27 -44.85 -0.93
CA GLY A 114 28.93 -45.47 -2.05
C GLY A 114 29.33 -44.49 -3.14
N LYS A 115 29.45 -45.02 -4.35
CA LYS A 115 29.92 -44.23 -5.48
C LYS A 115 28.77 -43.41 -6.06
N GLY A 116 29.02 -42.15 -6.31
CA GLY A 116 28.07 -41.29 -6.97
C GLY A 116 28.18 -39.88 -6.43
N SER A 117 27.25 -39.05 -6.85
CA SER A 117 27.18 -37.67 -6.36
C SER A 117 25.74 -37.34 -6.03
N PHE A 118 25.47 -37.02 -4.77
CA PHE A 118 24.11 -36.88 -4.28
C PHE A 118 23.94 -35.54 -3.59
N THR A 119 22.89 -34.82 -3.94
CA THR A 119 22.39 -33.72 -3.13
C THR A 119 21.29 -34.28 -2.22
N TYR A 120 21.45 -34.10 -0.92
CA TYR A 120 20.48 -34.60 0.06
C TYR A 120 19.84 -33.42 0.78
N PHE A 121 18.52 -33.27 0.60
CA PHE A 121 17.75 -32.31 1.39
C PHE A 121 17.23 -33.06 2.60
N ALA A 122 17.79 -32.74 3.76
CA ALA A 122 17.61 -33.54 4.95
C ALA A 122 16.76 -32.79 5.95
N PRO A 123 15.56 -33.27 6.25
CA PRO A 123 14.78 -32.65 7.32
C PRO A 123 15.53 -32.72 8.64
N SER A 124 15.44 -31.65 9.42
CA SER A 124 16.06 -31.66 10.72
C SER A 124 15.25 -32.55 11.67
N ASN A 125 15.75 -32.69 12.90
CA ASN A 125 15.03 -33.52 13.87
C ASN A 125 13.68 -32.90 14.19
N GLU A 126 13.65 -31.58 14.40
CA GLU A 126 12.38 -30.89 14.63
CA GLU A 126 12.38 -30.89 14.63
C GLU A 126 11.43 -31.09 13.45
N ALA A 127 11.96 -31.05 12.23
CA ALA A 127 11.10 -31.24 11.05
C ALA A 127 10.40 -32.59 11.08
N TRP A 128 11.11 -33.64 11.51
CA TRP A 128 10.46 -34.94 11.65
C TRP A 128 9.49 -34.94 12.82
N ASP A 129 9.80 -34.20 13.90
CA ASP A 129 8.86 -34.12 15.01
C ASP A 129 7.53 -33.51 14.58
N ASN A 130 7.59 -32.48 13.73
CA ASN A 130 6.38 -31.83 13.26
C ASN A 130 5.61 -32.66 12.23
N LEU A 131 6.20 -33.72 11.70
CA LEU A 131 5.49 -34.57 10.77
C LEU A 131 4.33 -35.27 11.48
N ASP A 132 3.24 -35.46 10.74
CA ASP A 132 2.07 -36.12 11.29
C ASP A 132 2.44 -37.49 11.85
N SER A 133 2.03 -37.75 13.10
CA SER A 133 2.45 -38.97 13.78
C SER A 133 1.99 -40.21 13.02
N ASP A 134 0.79 -40.17 12.44
CA ASP A 134 0.32 -41.31 11.65
C ASP A 134 1.15 -41.46 10.38
N ILE A 135 1.61 -40.36 9.79
CA ILE A 135 2.48 -40.46 8.62
C ILE A 135 3.85 -40.99 9.02
N ARG A 136 4.36 -40.55 10.18
CA ARG A 136 5.68 -41.01 10.63
C ARG A 136 5.68 -42.50 10.90
N ARG A 137 4.76 -42.96 11.77
CA ARG A 137 4.65 -44.39 12.01
C ARG A 137 4.27 -45.14 10.73
N GLY A 138 3.58 -44.47 9.81
CA GLY A 138 3.25 -45.09 8.54
C GLY A 138 4.46 -45.32 7.66
N LEU A 139 5.47 -44.45 7.78
CA LEU A 139 6.72 -44.67 7.07
C LEU A 139 7.57 -45.72 7.78
N GLU A 140 7.63 -45.67 9.11
CA GLU A 140 8.33 -46.72 9.84
C GLU A 140 7.69 -48.09 9.62
N SER A 141 6.43 -48.12 9.17
CA SER A 141 5.76 -49.39 8.91
C SER A 141 6.41 -50.14 7.75
N ASN A 142 6.65 -49.46 6.63
CA ASN A 142 7.40 -50.04 5.52
C ASN A 142 8.70 -49.27 5.35
N VAL A 143 9.81 -49.88 5.77
CA VAL A 143 11.11 -49.25 5.57
C VAL A 143 11.64 -49.49 4.16
N ASN A 144 11.32 -50.64 3.56
CA ASN A 144 11.98 -51.02 2.31
C ASN A 144 11.49 -50.17 1.14
N VAL A 145 10.20 -49.85 1.09
CA VAL A 145 9.64 -49.21 -0.09
C VAL A 145 9.30 -47.75 0.19
N GLU A 146 8.31 -47.53 1.06
CA GLU A 146 7.76 -46.18 1.22
C GLU A 146 8.80 -45.23 1.80
N LEU A 147 9.50 -45.65 2.87
CA LEU A 147 10.50 -44.78 3.48
C LEU A 147 11.61 -44.46 2.49
N LEU A 148 12.11 -45.47 1.78
CA LEU A 148 13.13 -45.24 0.78
C LEU A 148 12.62 -44.32 -0.34
N ASN A 149 11.34 -44.42 -0.68
CA ASN A 149 10.79 -43.57 -1.74
C ASN A 149 10.67 -42.12 -1.28
N ALA A 150 10.36 -41.90 0.00
CA ALA A 150 10.29 -40.54 0.51
C ALA A 150 11.68 -39.92 0.60
N LEU A 151 12.62 -40.66 1.19
CA LEU A 151 13.99 -40.17 1.29
C LEU A 151 14.58 -39.90 -0.10
N HIS A 152 14.29 -40.77 -1.07
CA HIS A 152 14.69 -40.49 -2.44
C HIS A 152 14.00 -39.24 -2.97
N SER A 153 12.74 -39.03 -2.59
CA SER A 153 12.06 -37.79 -2.95
C SER A 153 12.75 -36.57 -2.36
N HIS A 154 13.58 -36.76 -1.34
CA HIS A 154 14.37 -35.66 -0.77
C HIS A 154 15.73 -35.49 -1.41
N MET A 155 16.08 -36.28 -2.43
CA MET A 155 17.44 -36.32 -2.94
C MET A 155 17.49 -35.97 -4.43
N ILE A 156 18.67 -35.55 -4.86
CA ILE A 156 18.97 -35.25 -6.26
C ILE A 156 20.16 -36.10 -6.69
N ASN A 157 20.15 -36.48 -7.98
CA ASN A 157 21.11 -37.41 -8.57
C ASN A 157 22.51 -36.81 -8.77
N LYS A 158 22.70 -35.52 -8.54
CA LYS A 158 24.03 -34.90 -8.63
C LYS A 158 24.18 -33.89 -7.50
N ARG A 159 25.42 -33.43 -7.29
CA ARG A 159 25.71 -32.48 -6.23
C ARG A 159 25.34 -31.07 -6.69
N MET A 160 24.41 -30.44 -5.98
CA MET A 160 23.97 -29.09 -6.31
C MET A 160 24.05 -28.22 -5.06
N LEU A 161 24.93 -27.23 -5.09
CA LEU A 161 25.05 -26.29 -3.98
C LEU A 161 23.86 -25.31 -4.01
N THR A 162 23.81 -24.42 -3.03
CA THR A 162 22.68 -23.49 -2.98
C THR A 162 22.76 -22.48 -4.12
N LYS A 163 23.97 -22.09 -4.53
CA LYS A 163 24.07 -21.18 -5.66
C LYS A 163 23.59 -21.83 -6.95
N ASP A 164 23.67 -23.16 -7.05
CA ASP A 164 23.21 -23.86 -8.23
C ASP A 164 21.70 -24.06 -8.23
N LEU A 165 21.02 -23.78 -7.13
CA LEU A 165 19.56 -23.96 -7.05
C LEU A 165 18.92 -22.62 -7.40
N LYS A 166 18.30 -22.56 -8.56
CA LYS A 166 17.84 -21.30 -9.15
C LYS A 166 16.34 -21.19 -8.99
N ASN A 167 15.88 -19.95 -8.82
CA ASN A 167 14.45 -19.72 -8.63
C ASN A 167 13.67 -20.21 -9.85
N GLY A 168 12.63 -21.00 -9.58
CA GLY A 168 11.80 -21.54 -10.62
C GLY A 168 12.25 -22.88 -11.18
N MET A 169 13.41 -23.38 -10.76
CA MET A 169 13.87 -24.68 -11.23
C MET A 169 12.95 -25.79 -10.74
N ILE A 170 12.73 -26.78 -11.60
CA ILE A 170 12.06 -28.02 -11.21
C ILE A 170 13.05 -29.14 -11.47
N ILE A 171 13.55 -29.76 -10.41
CA ILE A 171 14.65 -30.71 -10.48
C ILE A 171 14.08 -32.10 -10.19
N PRO A 172 14.21 -33.05 -11.10
CA PRO A 172 13.71 -34.41 -10.84
C PRO A 172 14.47 -35.03 -9.67
N SER A 173 13.73 -35.61 -8.73
CA SER A 173 14.31 -36.25 -7.57
C SER A 173 14.71 -37.68 -7.92
N MET A 174 15.13 -38.43 -6.92
CA MET A 174 15.58 -39.80 -7.14
C MET A 174 14.49 -40.83 -6.97
N TYR A 175 13.26 -40.41 -6.66
CA TYR A 175 12.12 -41.32 -6.63
C TYR A 175 11.16 -40.93 -7.73
N ASN A 176 11.05 -41.77 -8.76
CA ASN A 176 10.05 -41.65 -9.80
C ASN A 176 10.11 -40.30 -10.51
N ASN A 177 11.28 -39.67 -10.50
CA ASN A 177 11.48 -38.34 -11.10
C ASN A 177 10.46 -37.33 -10.58
N LEU A 178 10.16 -37.41 -9.29
CA LEU A 178 9.27 -36.43 -8.67
C LEU A 178 9.90 -35.05 -8.72
N GLY A 179 9.13 -34.07 -9.18
CA GLY A 179 9.65 -32.72 -9.30
C GLY A 179 9.91 -32.09 -7.94
N LEU A 180 11.10 -31.54 -7.77
CA LEU A 180 11.44 -30.69 -6.63
C LEU A 180 11.39 -29.24 -7.12
N PHE A 181 10.50 -28.46 -6.52
CA PHE A 181 10.28 -27.07 -6.96
C PHE A 181 11.20 -26.16 -6.17
N ILE A 182 12.16 -25.56 -6.85
CA ILE A 182 13.19 -24.75 -6.23
C ILE A 182 12.78 -23.29 -6.30
N ASN A 183 13.01 -22.55 -5.21
CA ASN A 183 12.83 -21.11 -5.19
C ASN A 183 14.02 -20.47 -4.51
N HIS A 184 14.54 -19.40 -5.11
CA HIS A 184 15.70 -18.71 -4.60
C HIS A 184 15.39 -17.23 -4.58
N TYR A 185 15.49 -16.63 -3.41
CA TYR A 185 14.98 -15.28 -3.27
C TYR A 185 16.11 -14.30 -3.01
N PRO A 186 15.94 -13.04 -3.39
CA PRO A 186 17.04 -12.06 -3.24
C PRO A 186 17.61 -11.99 -1.83
N ASN A 187 16.78 -12.16 -0.80
CA ASN A 187 17.27 -12.13 0.57
C ASN A 187 18.19 -13.30 0.90
N GLY A 188 18.32 -14.28 0.01
CA GLY A 188 19.17 -15.43 0.23
C GLY A 188 18.42 -16.70 0.60
N VAL A 189 17.14 -16.59 0.94
CA VAL A 189 16.35 -17.76 1.30
C VAL A 189 16.27 -18.68 0.09
N VAL A 190 16.55 -19.97 0.32
CA VAL A 190 16.44 -21.00 -0.70
C VAL A 190 15.48 -22.05 -0.17
N THR A 191 14.48 -22.41 -0.99
CA THR A 191 13.46 -23.36 -0.59
C THR A 191 13.27 -24.44 -1.64
N VAL A 192 12.92 -25.63 -1.16
CA VAL A 192 12.58 -26.78 -1.98
C VAL A 192 11.17 -27.17 -1.59
N ASN A 193 10.24 -27.05 -2.53
CA ASN A 193 8.81 -27.23 -2.24
C ASN A 193 8.39 -26.38 -1.04
N CYS A 194 8.92 -25.15 -1.00
CA CYS A 194 8.71 -24.15 0.04
C CYS A 194 9.37 -24.53 1.37
N ALA A 195 10.02 -25.68 1.47
CA ALA A 195 10.83 -25.99 2.64
C ALA A 195 12.13 -25.19 2.57
N ARG A 196 12.39 -24.37 3.58
CA ARG A 196 13.57 -23.52 3.59
C ARG A 196 14.79 -24.32 4.01
N ILE A 197 15.94 -23.96 3.44
CA ILE A 197 17.19 -24.62 3.77
C ILE A 197 17.83 -23.83 4.91
N ILE A 198 17.86 -24.43 6.10
CA ILE A 198 18.45 -23.75 7.25
C ILE A 198 19.96 -23.72 7.14
N HIS A 199 20.57 -24.90 6.97
CA HIS A 199 22.01 -25.05 6.87
C HIS A 199 22.31 -25.56 5.47
N GLY A 200 22.90 -24.71 4.64
CA GLY A 200 23.23 -25.08 3.28
C GLY A 200 24.67 -25.49 3.11
N ASN A 201 24.91 -26.24 2.02
CA ASN A 201 26.23 -26.51 1.48
C ASN A 201 27.17 -27.13 2.53
N GLN A 202 26.83 -28.37 2.91
CA GLN A 202 27.76 -29.18 3.68
C GLN A 202 28.43 -30.14 2.71
N ILE A 203 29.71 -29.92 2.47
CA ILE A 203 30.41 -30.63 1.41
C ILE A 203 30.75 -32.03 1.89
N ALA A 204 30.42 -33.01 1.07
CA ALA A 204 30.67 -34.41 1.34
C ALA A 204 31.33 -35.04 0.12
N THR A 205 32.17 -36.04 0.39
CA THR A 205 32.83 -36.79 -0.67
C THR A 205 31.82 -37.32 -1.69
N ASN A 206 30.60 -37.65 -1.25
CA ASN A 206 29.57 -38.21 -2.11
C ASN A 206 28.61 -37.17 -2.66
N GLY A 207 28.73 -35.90 -2.30
CA GLY A 207 27.72 -34.95 -2.68
C GLY A 207 27.65 -33.83 -1.66
N VAL A 208 26.50 -33.16 -1.60
CA VAL A 208 26.30 -32.06 -0.67
C VAL A 208 25.05 -32.33 0.15
N VAL A 209 25.08 -31.88 1.42
CA VAL A 209 23.95 -32.03 2.33
C VAL A 209 23.45 -30.65 2.72
N HIS A 210 22.14 -30.43 2.54
CA HIS A 210 21.43 -29.25 3.02
C HIS A 210 20.39 -29.69 4.03
N VAL A 211 20.16 -28.87 5.06
CA VAL A 211 19.18 -29.17 6.09
C VAL A 211 17.96 -28.29 5.87
N ILE A 212 16.78 -28.90 5.79
CA ILE A 212 15.55 -28.19 5.49
C ILE A 212 14.63 -28.25 6.71
N ASP A 213 13.76 -27.26 6.82
CA ASP A 213 12.97 -27.02 8.02
C ASP A 213 11.70 -27.86 8.09
N ARG A 214 11.41 -28.66 7.08
CA ARG A 214 10.21 -29.48 7.09
C ARG A 214 10.42 -30.70 6.19
N VAL A 215 9.63 -31.74 6.44
CA VAL A 215 9.67 -32.94 5.62
C VAL A 215 8.89 -32.69 4.33
N LEU A 216 9.47 -33.05 3.20
CA LEU A 216 8.80 -32.87 1.93
C LEU A 216 7.61 -33.82 1.81
N THR A 217 6.56 -33.35 1.15
CA THR A 217 5.32 -34.09 0.99
C THR A 217 4.94 -34.10 -0.49
N GLN A 218 3.99 -34.99 -0.83
CA GLN A 218 3.50 -35.08 -2.19
C GLN A 218 2.95 -33.75 -2.67
N ILE A 219 3.29 -33.38 -3.90
CA ILE A 219 2.86 -32.11 -4.48
C ILE A 219 1.43 -32.25 -4.95
N GLY A 220 0.64 -31.19 -4.76
CA GLY A 220 -0.74 -31.20 -5.19
C GLY A 220 -0.87 -31.13 -6.70
N THR A 221 -2.06 -31.54 -7.18
CA THR A 221 -2.29 -31.58 -8.62
C THR A 221 -2.16 -30.19 -9.23
N SER A 222 -2.80 -29.20 -8.61
CA SER A 222 -2.79 -27.81 -9.06
C SER A 222 -3.62 -27.02 -8.05
N ILE A 223 -3.58 -25.69 -8.19
CA ILE A 223 -4.35 -24.84 -7.28
C ILE A 223 -5.84 -25.03 -7.51
N GLN A 224 -6.27 -25.10 -8.78
CA GLN A 224 -7.68 -25.33 -9.06
C GLN A 224 -8.17 -26.64 -8.43
N ASP A 225 -7.39 -27.70 -8.56
CA ASP A 225 -7.78 -29.00 -8.02
C ASP A 225 -7.87 -28.96 -6.50
N PHE A 226 -6.99 -28.20 -5.85
CA PHE A 226 -7.06 -28.08 -4.40
C PHE A 226 -8.28 -27.27 -3.97
N ILE A 227 -8.61 -26.22 -4.71
CA ILE A 227 -9.78 -25.41 -4.40
C ILE A 227 -11.04 -26.25 -4.54
N GLU A 228 -11.16 -26.97 -5.65
CA GLU A 228 -12.33 -27.83 -5.85
C GLU A 228 -12.39 -28.96 -4.83
N ALA A 229 -11.24 -29.46 -4.40
CA ALA A 229 -11.24 -30.56 -3.43
C ALA A 229 -11.52 -30.07 -2.02
N GLU A 230 -11.18 -28.82 -1.70
CA GLU A 230 -11.29 -28.34 -0.34
C GLU A 230 -12.71 -27.84 -0.05
N ASP A 231 -13.27 -28.27 1.07
CA ASP A 231 -14.60 -27.85 1.47
C ASP A 231 -14.59 -26.46 2.10
N ASP A 232 -13.52 -26.12 2.85
CA ASP A 232 -13.44 -24.81 3.47
C ASP A 232 -13.27 -23.69 2.44
N LEU A 233 -12.90 -24.03 1.21
CA LEU A 233 -12.85 -23.09 0.11
C LEU A 233 -14.14 -23.07 -0.70
N SER A 234 -15.16 -23.81 -0.26
CA SER A 234 -16.41 -23.96 -1.00
C SER A 234 -16.97 -22.62 -1.45
N SER A 235 -16.99 -21.63 -0.55
CA SER A 235 -17.42 -20.30 -0.94
C SER A 235 -16.52 -19.72 -2.03
N PHE A 236 -15.22 -19.64 -1.76
CA PHE A 236 -14.29 -19.04 -2.71
C PHE A 236 -14.39 -19.73 -4.07
N ARG A 237 -14.38 -21.06 -4.07
CA ARG A 237 -14.52 -21.83 -5.30
C ARG A 237 -15.69 -21.31 -6.13
N ALA A 238 -16.85 -21.15 -5.49
CA ALA A 238 -18.03 -20.66 -6.20
C ALA A 238 -17.71 -19.36 -6.92
N ALA A 239 -17.17 -18.37 -6.20
CA ALA A 239 -16.89 -17.08 -6.81
C ALA A 239 -15.98 -17.24 -8.01
N ALA A 240 -14.99 -18.14 -7.92
CA ALA A 240 -14.08 -18.35 -9.03
C ALA A 240 -14.84 -18.78 -10.29
N ILE A 241 -15.76 -19.73 -10.14
CA ILE A 241 -16.51 -20.18 -11.30
C ILE A 241 -17.37 -19.05 -11.86
N THR A 242 -17.76 -18.09 -11.02
CA THR A 242 -18.53 -16.95 -11.51
C THR A 242 -17.65 -16.01 -12.33
N SER A 243 -16.36 -15.91 -11.99
CA SER A 243 -15.45 -15.02 -12.69
C SER A 243 -14.65 -15.72 -13.78
N ASP A 244 -14.82 -17.03 -13.95
CA ASP A 244 -14.11 -17.82 -14.96
C ASP A 244 -12.60 -17.75 -14.77
N ILE A 245 -12.14 -17.45 -13.54
CA ILE A 245 -10.72 -17.41 -13.24
C ILE A 245 -10.22 -18.71 -12.63
N LEU A 246 -11.10 -19.68 -12.42
CA LEU A 246 -10.70 -20.96 -11.84
C LEU A 246 -9.96 -21.82 -12.86
N GLU A 247 -10.36 -21.76 -14.13
CA GLU A 247 -9.68 -22.51 -15.17
C GLU A 247 -8.23 -22.07 -15.32
N ALA A 248 -7.96 -20.78 -15.12
CA ALA A 248 -6.58 -20.28 -15.22
C ALA A 248 -5.71 -20.83 -14.10
N LEU A 249 -6.31 -21.20 -12.97
CA LEU A 249 -5.57 -21.72 -11.83
C LEU A 249 -5.31 -23.22 -11.93
N GLY A 250 -5.80 -23.87 -12.98
CA GLY A 250 -5.49 -25.25 -13.27
C GLY A 250 -4.39 -25.46 -14.28
N ARG A 251 -3.89 -24.39 -14.90
CA ARG A 251 -2.82 -24.53 -15.87
C ARG A 251 -1.46 -24.35 -15.20
N ASP A 252 -0.40 -24.48 -15.99
CA ASP A 252 0.95 -24.35 -15.44
C ASP A 252 1.24 -22.90 -15.04
N GLY A 253 2.23 -22.76 -14.16
CA GLY A 253 2.66 -21.45 -13.72
C GLY A 253 3.26 -21.53 -12.33
N HIS A 254 3.68 -20.36 -11.84
CA HIS A 254 4.09 -20.19 -10.46
C HIS A 254 3.20 -19.11 -9.83
N PHE A 255 2.33 -19.51 -8.92
CA PHE A 255 1.33 -18.62 -8.35
C PHE A 255 1.48 -18.54 -6.85
N THR A 256 0.95 -17.47 -6.28
CA THR A 256 0.74 -17.36 -4.84
C THR A 256 -0.73 -16.99 -4.64
N LEU A 257 -1.50 -17.89 -4.04
CA LEU A 257 -2.91 -17.67 -3.82
C LEU A 257 -3.16 -17.54 -2.32
N PHE A 258 -3.73 -16.40 -1.93
CA PHE A 258 -4.26 -16.25 -0.58
C PHE A 258 -5.74 -16.62 -0.65
N ALA A 259 -6.10 -17.74 -0.03
CA ALA A 259 -7.43 -18.29 -0.17
C ALA A 259 -8.25 -17.93 1.06
N PRO A 260 -9.28 -17.09 0.93
CA PRO A 260 -10.18 -16.85 2.06
C PRO A 260 -11.04 -18.09 2.32
N THR A 261 -11.16 -18.46 3.60
CA THR A 261 -11.95 -19.62 3.98
C THR A 261 -13.43 -19.26 4.02
N ASN A 262 -14.26 -20.26 4.35
CA ASN A 262 -15.68 -19.98 4.54
C ASN A 262 -15.90 -19.02 5.71
N GLU A 263 -15.11 -19.17 6.77
CA GLU A 263 -15.14 -18.21 7.86
C GLU A 263 -14.89 -16.79 7.37
N ALA A 264 -13.98 -16.64 6.40
CA ALA A 264 -13.61 -15.31 5.91
C ALA A 264 -14.79 -14.63 5.22
N PHE A 265 -15.52 -15.37 4.38
CA PHE A 265 -16.69 -14.80 3.72
C PHE A 265 -17.82 -14.56 4.72
N GLU A 266 -17.97 -15.43 5.72
CA GLU A 266 -18.99 -15.22 6.72
C GLU A 266 -18.67 -14.04 7.63
N LYS A 267 -17.41 -13.60 7.68
CA LYS A 267 -17.05 -12.42 8.47
C LYS A 267 -17.40 -11.11 7.79
N LEU A 268 -17.84 -11.15 6.53
CA LEU A 268 -18.15 -9.94 5.78
C LEU A 268 -19.52 -9.39 6.19
N PRO A 269 -19.74 -8.08 5.98
CA PRO A 269 -21.06 -7.52 6.27
C PRO A 269 -22.14 -8.13 5.39
N ARG A 270 -23.34 -8.22 5.93
CA ARG A 270 -24.43 -8.89 5.23
C ARG A 270 -24.78 -8.12 3.97
N GLY A 271 -25.00 -8.86 2.88
CA GLY A 271 -25.33 -8.29 1.60
C GLY A 271 -24.16 -7.81 0.77
N VAL A 272 -22.99 -7.63 1.37
CA VAL A 272 -21.83 -7.17 0.62
C VAL A 272 -21.34 -8.25 -0.34
N LEU A 273 -21.25 -9.49 0.14
CA LEU A 273 -20.85 -10.59 -0.73
C LEU A 273 -21.83 -10.78 -1.86
N GLU A 274 -23.13 -10.66 -1.56
CA GLU A 274 -24.14 -10.78 -2.60
C GLU A 274 -24.03 -9.66 -3.62
N ARG A 275 -23.72 -8.44 -3.16
CA ARG A 275 -23.60 -7.31 -4.08
C ARG A 275 -22.37 -7.45 -4.97
N ILE A 276 -21.26 -7.93 -4.42
CA ILE A 276 -20.05 -8.09 -5.23
C ILE A 276 -20.22 -9.26 -6.20
N MET A 277 -20.84 -10.34 -5.75
CA MET A 277 -21.07 -11.49 -6.63
C MET A 277 -22.04 -11.14 -7.75
N GLY A 278 -23.05 -10.32 -7.46
CA GLY A 278 -24.00 -9.93 -8.49
C GLY A 278 -23.40 -9.10 -9.61
N ASP A 279 -22.22 -8.53 -9.38
CA ASP A 279 -21.54 -7.72 -10.38
C ASP A 279 -20.32 -8.48 -10.90
N LYS A 280 -20.23 -8.63 -12.22
CA LYS A 280 -19.16 -9.43 -12.80
C LYS A 280 -17.80 -8.75 -12.62
N VAL A 281 -17.75 -7.42 -12.76
CA VAL A 281 -16.48 -6.72 -12.66
C VAL A 281 -15.97 -6.74 -11.23
N ALA A 282 -16.86 -6.51 -10.27
CA ALA A 282 -16.45 -6.53 -8.86
C ALA A 282 -15.97 -7.92 -8.45
N SER A 283 -16.67 -8.96 -8.90
CA SER A 283 -16.26 -10.32 -8.57
C SER A 283 -14.93 -10.68 -9.21
N GLU A 284 -14.75 -10.33 -10.48
CA GLU A 284 -13.49 -10.63 -11.16
C GLU A 284 -12.31 -9.92 -10.48
N ALA A 285 -12.47 -8.62 -10.23
CA ALA A 285 -11.39 -7.88 -9.57
C ALA A 285 -11.12 -8.41 -8.17
N LEU A 286 -12.17 -8.71 -7.42
CA LEU A 286 -12.00 -9.30 -6.09
C LEU A 286 -11.20 -10.59 -6.17
N MET A 287 -11.56 -11.48 -7.10
CA MET A 287 -10.84 -12.74 -7.24
C MET A 287 -9.38 -12.50 -7.57
N LYS A 288 -9.11 -11.72 -8.62
CA LYS A 288 -7.73 -11.46 -9.01
C LYS A 288 -6.93 -10.79 -7.91
N TYR A 289 -7.58 -10.07 -6.99
CA TYR A 289 -6.85 -9.39 -5.93
C TYR A 289 -6.18 -10.36 -4.95
N HIS A 290 -6.61 -11.62 -4.91
CA HIS A 290 -6.05 -12.61 -4.00
C HIS A 290 -4.89 -13.40 -4.61
N ILE A 291 -4.51 -13.13 -5.85
CA ILE A 291 -3.56 -13.96 -6.58
C ILE A 291 -2.32 -13.15 -6.91
N LEU A 292 -1.17 -13.79 -6.77
CA LEU A 292 0.12 -13.22 -7.16
C LEU A 292 0.68 -14.00 -8.34
N ASN A 293 1.43 -13.30 -9.19
CA ASN A 293 2.02 -13.91 -10.38
C ASN A 293 3.33 -14.60 -10.11
N THR A 294 3.84 -14.56 -8.88
CA THR A 294 5.08 -15.22 -8.50
C THR A 294 4.82 -16.12 -7.31
N LEU A 295 5.75 -17.05 -7.08
CA LEU A 295 5.62 -18.00 -5.97
C LEU A 295 6.35 -17.42 -4.76
N GLN A 296 5.60 -17.07 -3.73
CA GLN A 296 6.15 -16.56 -2.48
C GLN A 296 5.88 -17.58 -1.38
N CYS A 297 6.93 -18.26 -0.93
CA CYS A 297 6.78 -19.15 0.21
C CYS A 297 6.79 -18.31 1.48
N SER A 298 6.12 -18.82 2.53
CA SER A 298 6.08 -18.11 3.80
C SER A 298 7.48 -17.86 4.34
N GLU A 299 8.39 -18.82 4.15
CA GLU A 299 9.75 -18.68 4.65
C GLU A 299 10.59 -17.70 3.85
N SER A 300 10.09 -17.23 2.70
CA SER A 300 10.81 -16.18 1.99
C SER A 300 10.59 -14.81 2.58
N ILE A 301 9.62 -14.65 3.47
CA ILE A 301 9.25 -13.34 3.98
C ILE A 301 10.03 -13.08 5.26
N MET A 302 11.00 -12.18 5.19
CA MET A 302 11.69 -11.66 6.36
C MET A 302 11.19 -10.28 6.81
N GLY A 303 10.24 -9.69 6.10
CA GLY A 303 9.78 -8.37 6.45
C GLY A 303 8.81 -7.83 5.41
N GLY A 304 8.57 -6.53 5.49
CA GLY A 304 7.55 -5.91 4.65
C GLY A 304 7.98 -5.79 3.20
N ALA A 305 7.04 -6.07 2.29
CA ALA A 305 7.24 -5.89 0.86
C ALA A 305 5.88 -5.74 0.21
N VAL A 306 5.88 -5.19 -1.01
CA VAL A 306 4.65 -4.94 -1.76
C VAL A 306 4.65 -5.83 -3.00
N PHE A 307 3.51 -6.43 -3.29
CA PHE A 307 3.38 -7.34 -4.42
C PHE A 307 2.17 -6.95 -5.27
N GLU A 308 2.37 -6.94 -6.58
CA GLU A 308 1.27 -6.65 -7.50
C GLU A 308 0.42 -7.89 -7.69
N THR A 309 -0.88 -7.75 -7.44
CA THR A 309 -1.80 -8.86 -7.64
C THR A 309 -2.22 -8.92 -9.11
N LEU A 310 -3.04 -9.91 -9.44
CA LEU A 310 -3.54 -10.02 -10.80
C LEU A 310 -4.59 -8.96 -11.11
N GLU A 311 -5.18 -8.35 -10.08
CA GLU A 311 -6.08 -7.22 -10.28
C GLU A 311 -5.33 -5.93 -10.63
N GLY A 312 -4.05 -5.84 -10.25
CA GLY A 312 -3.21 -4.70 -10.54
C GLY A 312 -2.92 -3.80 -9.36
N ASN A 313 -3.74 -3.85 -8.31
CA ASN A 313 -3.38 -3.18 -7.06
C ASN A 313 -2.42 -4.07 -6.27
N THR A 314 -1.61 -3.43 -5.41
CA THR A 314 -0.61 -4.15 -4.63
C THR A 314 -1.15 -4.48 -3.25
N ILE A 315 -0.77 -5.64 -2.74
CA ILE A 315 -0.97 -6.00 -1.35
C ILE A 315 0.39 -5.96 -0.66
N GLU A 316 0.38 -5.57 0.61
CA GLU A 316 1.60 -5.53 1.41
C GLU A 316 1.70 -6.81 2.24
N ILE A 317 2.72 -7.60 1.96
CA ILE A 317 2.98 -8.85 2.67
C ILE A 317 4.12 -8.63 3.65
N GLY A 318 3.98 -9.18 4.84
CA GLY A 318 4.96 -9.01 5.89
C GLY A 318 4.87 -10.15 6.86
N CYS A 319 5.62 -10.03 7.96
CA CYS A 319 5.60 -11.06 8.98
C CYS A 319 5.81 -10.44 10.34
N ASP A 320 5.11 -10.97 11.33
CA ASP A 320 5.32 -10.65 12.74
C ASP A 320 5.54 -11.97 13.46
N GLY A 321 6.73 -12.18 13.98
CA GLY A 321 7.07 -13.47 14.54
C GLY A 321 6.96 -14.55 13.48
N ASP A 322 6.22 -15.61 13.80
CA ASP A 322 5.94 -16.67 12.84
C ASP A 322 4.60 -16.48 12.12
N SER A 323 3.91 -15.37 12.38
CA SER A 323 2.63 -15.11 11.74
C SER A 323 2.82 -14.26 10.49
N ILE A 324 2.33 -14.74 9.36
CA ILE A 324 2.38 -13.97 8.12
C ILE A 324 1.27 -12.93 8.15
N THR A 325 1.61 -11.71 7.76
CA THR A 325 0.65 -10.61 7.72
C THR A 325 0.40 -10.19 6.28
N VAL A 326 -0.85 -9.85 5.99
CA VAL A 326 -1.27 -9.31 4.70
C VAL A 326 -1.95 -7.98 4.95
N ASN A 327 -1.43 -6.92 4.34
CA ASN A 327 -1.94 -5.56 4.53
C ASN A 327 -1.99 -5.19 6.02
N GLY A 328 -0.95 -5.60 6.75
CA GLY A 328 -0.83 -5.28 8.16
C GLY A 328 -1.65 -6.14 9.09
N ILE A 329 -2.54 -6.96 8.58
CA ILE A 329 -3.37 -7.86 9.38
C ILE A 329 -2.77 -9.25 9.25
N LYS A 330 -2.84 -10.04 10.32
CA LYS A 330 -2.36 -11.42 10.23
C LYS A 330 -3.59 -12.30 10.06
N MET A 331 -3.83 -12.70 8.81
CA MET A 331 -4.92 -13.60 8.47
C MET A 331 -4.49 -15.03 8.23
N VAL A 332 -3.20 -15.32 8.29
CA VAL A 332 -2.69 -16.60 7.80
C VAL A 332 -2.67 -17.61 8.95
N ASN A 333 -3.46 -18.66 8.82
CA ASN A 333 -3.40 -19.78 9.77
C ASN A 333 -2.65 -20.94 9.13
N LYS A 334 -3.21 -21.53 8.08
CA LYS A 334 -2.55 -22.60 7.34
C LYS A 334 -1.81 -21.99 6.16
N LYS A 335 -0.51 -22.26 6.05
CA LYS A 335 0.33 -21.66 5.04
C LYS A 335 1.18 -22.72 4.34
N ASP A 336 1.77 -22.31 3.22
CA ASP A 336 2.68 -23.15 2.44
C ASP A 336 2.03 -24.46 2.02
N ILE A 337 0.87 -24.36 1.37
CA ILE A 337 0.26 -25.51 0.74
C ILE A 337 0.74 -25.53 -0.70
N VAL A 338 1.60 -26.49 -1.04
CA VAL A 338 2.35 -26.45 -2.28
C VAL A 338 1.67 -27.37 -3.29
N THR A 339 1.35 -26.82 -4.45
CA THR A 339 0.79 -27.54 -5.58
C THR A 339 1.77 -27.49 -6.75
N ASN A 340 1.33 -28.05 -7.87
CA ASN A 340 2.20 -28.05 -9.05
C ASN A 340 2.38 -26.64 -9.61
N ASN A 341 1.32 -25.85 -9.65
CA ASN A 341 1.36 -24.53 -10.28
C ASN A 341 1.60 -23.38 -9.31
N GLY A 342 1.78 -23.64 -8.03
CA GLY A 342 2.08 -22.55 -7.11
C GLY A 342 1.79 -22.94 -5.67
N VAL A 343 1.78 -21.91 -4.82
CA VAL A 343 1.59 -22.07 -3.38
C VAL A 343 0.28 -21.41 -2.98
N ILE A 344 -0.30 -21.91 -1.90
CA ILE A 344 -1.57 -21.43 -1.35
C ILE A 344 -1.39 -21.19 0.14
N HIS A 345 -1.88 -20.06 0.61
CA HIS A 345 -1.95 -19.75 2.03
C HIS A 345 -3.38 -19.39 2.39
N LEU A 346 -3.92 -20.02 3.42
CA LEU A 346 -5.27 -19.74 3.86
C LEU A 346 -5.30 -18.46 4.70
N ILE A 347 -6.35 -17.66 4.52
CA ILE A 347 -6.50 -16.39 5.23
C ILE A 347 -7.86 -16.34 5.91
N ASP A 348 -7.93 -15.60 7.03
CA ASP A 348 -9.13 -15.44 7.84
CA ASP A 348 -9.17 -15.50 7.78
C ASP A 348 -10.07 -14.35 7.32
N GLN A 349 -9.60 -13.51 6.41
CA GLN A 349 -10.39 -12.41 5.88
C GLN A 349 -10.49 -12.52 4.37
N VAL A 350 -11.21 -11.58 3.76
CA VAL A 350 -11.33 -11.48 2.31
C VAL A 350 -10.69 -10.17 1.90
N LEU A 351 -9.65 -10.26 1.07
CA LEU A 351 -9.01 -9.06 0.55
C LEU A 351 -9.95 -8.40 -0.46
N ILE A 352 -10.32 -7.15 -0.21
CA ILE A 352 -11.22 -6.45 -1.12
C ILE A 352 -10.49 -5.28 -1.75
N PRO A 353 -10.25 -5.31 -3.05
CA PRO A 353 -9.59 -4.18 -3.70
C PRO A 353 -10.53 -2.99 -3.81
N ASP A 354 -9.94 -1.79 -3.92
CA ASP A 354 -10.75 -0.59 -4.07
C ASP A 354 -11.70 -0.70 -5.26
N SER A 355 -11.29 -1.40 -6.32
CA SER A 355 -12.11 -1.50 -7.52
C SER A 355 -13.39 -2.30 -7.31
N ALA A 356 -13.45 -3.14 -6.26
CA ALA A 356 -14.65 -3.89 -5.92
C ALA A 356 -15.49 -3.22 -4.85
N LYS A 357 -15.10 -2.04 -4.37
CA LYS A 357 -15.75 -1.41 -3.22
C LYS A 357 -16.74 -0.34 -3.67
N GLN A 358 -17.85 -0.25 -2.95
CA GLN A 358 -18.74 0.90 -3.07
C GLN A 358 -18.04 2.16 -2.58
N VAL A 359 -18.47 3.31 -3.10
CA VAL A 359 -17.70 4.54 -2.96
C VAL A 359 -17.52 4.90 -1.48
N ILE A 360 -18.57 4.78 -0.68
CA ILE A 360 -18.48 5.17 0.71
C ILE A 360 -17.56 4.25 1.49
N GLU A 361 -17.30 3.04 0.99
CA GLU A 361 -16.36 2.13 1.62
C GLU A 361 -14.91 2.49 1.32
N LEU A 362 -14.66 3.39 0.37
CA LEU A 362 -13.30 3.80 0.07
C LEU A 362 -12.69 4.71 1.13
N ALA A 363 -13.51 5.25 2.03
CA ALA A 363 -13.00 6.17 3.03
C ALA A 363 -12.11 5.47 4.05
N GLY A 364 -11.11 6.20 4.54
CA GLY A 364 -10.18 5.70 5.52
C GLY A 364 -10.46 6.24 6.92
N LYS A 365 -9.43 6.17 7.77
CA LYS A 365 -9.57 6.65 9.14
C LYS A 365 -9.96 8.12 9.18
N GLN A 366 -9.16 8.97 8.53
CA GLN A 366 -9.36 10.42 8.61
C GLN A 366 -10.66 10.89 7.96
N GLN A 367 -11.37 10.03 7.26
CA GLN A 367 -12.67 10.38 6.69
C GLN A 367 -13.85 9.92 7.55
N THR A 368 -13.60 9.23 8.66
CA THR A 368 -14.68 8.58 9.41
C THR A 368 -15.80 9.56 9.74
N THR A 369 -15.45 10.72 10.29
CA THR A 369 -16.47 11.73 10.61
C THR A 369 -17.35 12.00 9.40
N PHE A 370 -16.73 12.35 8.28
CA PHE A 370 -17.47 12.51 7.04
C PHE A 370 -18.30 11.26 6.75
N THR A 371 -17.63 10.09 6.73
CA THR A 371 -18.32 8.83 6.50
C THR A 371 -19.49 8.67 7.44
N ASP A 372 -19.32 9.07 8.71
CA ASP A 372 -20.39 8.94 9.67
C ASP A 372 -21.48 9.97 9.44
N LEU A 373 -21.08 11.22 9.14
CA LEU A 373 -22.06 12.29 9.00
C LEU A 373 -23.04 11.99 7.88
N VAL A 374 -22.53 11.63 6.69
CA VAL A 374 -23.43 11.32 5.58
C VAL A 374 -24.32 10.14 5.93
N ALA A 375 -23.85 9.24 6.80
CA ALA A 375 -24.71 8.14 7.22
C ALA A 375 -25.75 8.61 8.22
N GLN A 376 -25.36 9.53 9.12
CA GLN A 376 -26.25 9.93 10.19
C GLN A 376 -27.31 10.91 9.72
N LEU A 377 -27.00 11.74 8.74
CA LEU A 377 -27.92 12.75 8.26
C LEU A 377 -28.74 12.29 7.07
N GLY A 378 -28.64 11.03 6.67
CA GLY A 378 -29.54 10.47 5.69
C GLY A 378 -29.08 10.51 4.25
N LEU A 379 -27.82 10.86 4.01
CA LEU A 379 -27.28 10.91 2.66
C LEU A 379 -26.67 9.59 2.21
N ALA A 380 -26.52 8.62 3.12
CA ALA A 380 -25.81 7.39 2.78
C ALA A 380 -26.59 6.56 1.78
N SER A 381 -27.88 6.33 2.05
CA SER A 381 -28.72 5.59 1.11
C SER A 381 -28.83 6.28 -0.24
N ALA A 382 -28.57 7.59 -0.29
CA ALA A 382 -28.66 8.34 -1.53
C ALA A 382 -27.55 7.99 -2.52
N LEU A 383 -26.57 7.18 -2.14
CA LEU A 383 -25.54 6.72 -3.06
C LEU A 383 -25.91 5.31 -3.50
N ARG A 384 -26.37 5.19 -4.72
CA ARG A 384 -26.91 3.92 -5.16
C ARG A 384 -25.81 3.09 -5.83
N PRO A 385 -25.90 1.76 -5.72
CA PRO A 385 -24.96 0.91 -6.48
C PRO A 385 -25.06 1.13 -7.97
N ASP A 386 -26.25 1.45 -8.48
CA ASP A 386 -26.47 1.67 -9.90
C ASP A 386 -25.96 3.02 -10.39
N GLY A 387 -25.60 3.93 -9.48
CA GLY A 387 -25.13 5.24 -9.85
C GLY A 387 -23.62 5.35 -9.90
N GLU A 388 -23.16 6.56 -10.19
CA GLU A 388 -21.75 6.92 -10.22
C GLU A 388 -21.59 8.20 -9.41
N TYR A 389 -20.77 8.14 -8.36
CA TYR A 389 -20.69 9.24 -7.41
C TYR A 389 -19.24 9.61 -7.12
N THR A 390 -19.09 10.85 -6.63
CA THR A 390 -17.81 11.36 -6.16
C THR A 390 -18.01 11.94 -4.77
N LEU A 391 -17.20 11.47 -3.82
CA LEU A 391 -17.20 12.01 -2.48
C LEU A 391 -16.03 12.98 -2.32
N LEU A 392 -16.31 14.19 -1.86
CA LEU A 392 -15.28 15.13 -1.46
C LEU A 392 -15.24 15.14 0.07
N ALA A 393 -14.20 14.56 0.64
CA ALA A 393 -14.21 14.20 2.05
C ALA A 393 -13.21 15.05 2.81
N PRO A 394 -13.66 15.98 3.66
CA PRO A 394 -12.73 16.66 4.54
C PRO A 394 -12.22 15.73 5.63
N VAL A 395 -10.97 15.93 6.02
CA VAL A 395 -10.39 15.12 7.10
C VAL A 395 -11.10 15.43 8.41
N ASN A 396 -10.99 14.49 9.35
CA ASN A 396 -11.63 14.65 10.65
C ASN A 396 -11.23 15.97 11.33
N ASN A 397 -10.01 16.43 11.08
CA ASN A 397 -9.55 17.70 11.64
C ASN A 397 -10.28 18.90 11.05
N ALA A 398 -10.97 18.73 9.93
CA ALA A 398 -11.69 19.83 9.30
C ALA A 398 -13.06 20.07 9.91
N PHE A 399 -13.48 19.25 10.88
CA PHE A 399 -14.74 19.44 11.59
C PHE A 399 -14.42 19.89 13.00
N SER A 400 -14.71 21.15 13.30
CA SER A 400 -14.45 21.69 14.63
C SER A 400 -15.67 21.49 15.52
N ASP A 401 -15.57 21.94 16.77
CA ASP A 401 -16.71 21.85 17.66
C ASP A 401 -17.82 22.81 17.24
N ASP A 402 -17.44 24.05 16.91
CA ASP A 402 -18.43 25.02 16.43
C ASP A 402 -19.13 24.53 15.17
N THR A 403 -18.43 23.79 14.31
CA THR A 403 -19.04 23.23 13.13
C THR A 403 -20.10 22.20 13.51
N LEU A 404 -19.74 21.21 14.32
CA LEU A 404 -20.69 20.19 14.74
C LEU A 404 -21.73 20.71 15.72
N SER A 405 -21.58 21.95 16.21
CA SER A 405 -22.57 22.56 17.08
C SER A 405 -23.73 23.16 16.32
N MET A 406 -23.59 23.35 15.00
CA MET A 406 -24.68 23.90 14.22
C MET A 406 -25.79 22.88 14.06
N ASP A 407 -27.00 23.37 13.73
CA ASP A 407 -28.13 22.48 13.55
C ASP A 407 -27.85 21.48 12.42
N GLN A 408 -28.09 20.21 12.70
CA GLN A 408 -27.64 19.14 11.81
C GLN A 408 -28.28 19.21 10.43
N ARG A 409 -29.33 20.00 10.23
CA ARG A 409 -29.93 20.14 8.90
C ARG A 409 -29.12 21.08 8.02
N LEU A 410 -28.65 22.19 8.58
CA LEU A 410 -27.69 23.02 7.85
C LEU A 410 -26.41 22.25 7.57
N LEU A 411 -25.95 21.47 8.54
CA LEU A 411 -24.81 20.59 8.32
C LEU A 411 -25.06 19.61 7.18
N LYS A 412 -26.30 19.10 7.09
CA LYS A 412 -26.63 18.20 5.98
C LYS A 412 -26.57 18.94 4.65
N LEU A 413 -27.03 20.19 4.62
CA LEU A 413 -26.89 20.98 3.40
C LEU A 413 -25.42 21.17 3.02
N ILE A 414 -24.56 21.37 4.01
CA ILE A 414 -23.13 21.50 3.72
C ILE A 414 -22.56 20.21 3.15
N LEU A 415 -22.94 19.07 3.75
CA LEU A 415 -22.48 17.79 3.24
C LEU A 415 -22.98 17.51 1.84
N GLN A 416 -24.17 18.02 1.49
CA GLN A 416 -24.68 17.80 0.14
C GLN A 416 -23.81 18.47 -0.91
N ASN A 417 -23.02 19.47 -0.53
CA ASN A 417 -22.06 20.09 -1.44
C ASN A 417 -20.81 19.25 -1.60
N HIS A 418 -20.62 18.24 -0.77
CA HIS A 418 -19.45 17.36 -0.83
C HIS A 418 -19.72 16.08 -1.60
N ILE A 419 -20.90 15.91 -2.17
CA ILE A 419 -21.24 14.73 -2.94
C ILE A 419 -21.58 15.15 -4.37
N LEU A 420 -21.08 14.40 -5.33
CA LEU A 420 -21.39 14.60 -6.75
C LEU A 420 -22.15 13.40 -7.27
N LYS A 421 -23.09 13.62 -8.18
CA LYS A 421 -23.87 12.55 -8.77
C LYS A 421 -23.22 12.00 -10.03
N VAL A 422 -22.02 12.47 -10.36
CA VAL A 422 -21.21 11.94 -11.45
C VAL A 422 -19.87 11.53 -10.86
N LYS A 423 -19.29 10.44 -11.38
CA LYS A 423 -17.95 10.03 -10.97
C LYS A 423 -16.93 10.92 -11.69
N VAL A 424 -16.05 11.56 -10.91
CA VAL A 424 -15.00 12.42 -11.45
C VAL A 424 -13.67 11.98 -10.85
N GLY A 425 -12.77 11.47 -11.69
CA GLY A 425 -11.47 11.09 -11.21
C GLY A 425 -10.53 12.27 -11.09
N LEU A 426 -9.50 12.10 -10.25
CA LEU A 426 -8.47 13.12 -10.11
C LEU A 426 -7.79 13.39 -11.44
N ASN A 427 -7.62 12.36 -12.27
CA ASN A 427 -7.04 12.55 -13.60
C ASN A 427 -8.00 13.22 -14.56
N GLU A 428 -9.29 13.33 -14.24
CA GLU A 428 -10.24 13.98 -15.11
C GLU A 428 -10.45 15.47 -14.82
N LEU A 429 -9.90 15.97 -13.72
CA LEU A 429 -10.14 17.37 -13.35
C LEU A 429 -9.37 18.32 -14.26
N TYR A 430 -9.90 19.53 -14.40
CA TYR A 430 -9.21 20.57 -15.16
C TYR A 430 -9.60 21.94 -14.64
N ASN A 431 -8.69 22.90 -14.81
CA ASN A 431 -8.91 24.26 -14.34
C ASN A 431 -10.19 24.82 -14.93
N GLY A 432 -10.91 25.61 -14.13
CA GLY A 432 -12.14 26.22 -14.56
C GLY A 432 -13.32 25.27 -14.68
N GLN A 433 -13.14 23.99 -14.40
CA GLN A 433 -14.25 23.06 -14.42
C GLN A 433 -15.26 23.42 -13.34
N ILE A 434 -16.54 23.19 -13.64
CA ILE A 434 -17.63 23.41 -12.69
C ILE A 434 -18.25 22.05 -12.37
N LEU A 435 -18.40 21.75 -11.09
CA LEU A 435 -19.01 20.52 -10.62
C LEU A 435 -20.40 20.81 -10.05
N GLU A 436 -21.30 19.85 -10.22
CA GLU A 436 -22.67 19.98 -9.72
C GLU A 436 -22.83 19.08 -8.50
N THR A 437 -23.08 19.69 -7.35
CA THR A 437 -23.36 18.93 -6.14
C THR A 437 -24.78 18.37 -6.19
N ILE A 438 -25.01 17.30 -5.42
CA ILE A 438 -26.35 16.75 -5.33
C ILE A 438 -27.28 17.74 -4.64
N GLY A 439 -26.74 18.66 -3.84
CA GLY A 439 -27.50 19.74 -3.24
C GLY A 439 -27.85 20.87 -4.18
N GLY A 440 -27.49 20.74 -5.46
CA GLY A 440 -27.84 21.71 -6.47
C GLY A 440 -26.84 22.83 -6.68
N LYS A 441 -25.87 23.01 -5.78
CA LYS A 441 -24.93 24.11 -5.92
C LYS A 441 -23.82 23.75 -6.90
N GLN A 442 -22.93 24.69 -7.15
CA GLN A 442 -21.89 24.57 -8.15
C GLN A 442 -20.53 24.87 -7.54
N LEU A 443 -19.56 24.01 -7.83
CA LEU A 443 -18.21 24.11 -7.28
C LEU A 443 -17.24 24.46 -8.41
N ARG A 444 -16.42 25.49 -8.18
CA ARG A 444 -15.38 25.86 -9.12
C ARG A 444 -14.11 25.06 -8.84
N VAL A 445 -13.51 24.54 -9.90
CA VAL A 445 -12.25 23.81 -9.80
C VAL A 445 -11.12 24.73 -10.22
N PHE A 446 -10.11 24.87 -9.36
CA PHE A 446 -8.93 25.66 -9.64
C PHE A 446 -7.74 24.72 -9.67
N VAL A 447 -7.13 24.57 -10.84
CA VAL A 447 -5.96 23.72 -11.00
C VAL A 447 -4.73 24.62 -11.03
N TYR A 448 -3.81 24.38 -10.10
CA TYR A 448 -2.52 25.03 -10.05
C TYR A 448 -1.43 23.99 -10.34
N ARG A 449 -0.19 24.42 -10.38
CA ARG A 449 0.93 23.51 -10.64
C ARG A 449 1.19 22.46 -9.56
N THR A 450 1.19 22.88 -8.30
CA THR A 450 1.39 21.95 -7.20
C THR A 450 0.11 21.61 -6.43
N ALA A 451 -1.04 22.16 -6.81
CA ALA A 451 -2.22 21.98 -5.97
C ALA A 451 -3.49 22.07 -6.81
N VAL A 452 -4.54 21.42 -6.31
CA VAL A 452 -5.87 21.47 -6.90
C VAL A 452 -6.84 21.87 -5.80
N CYS A 453 -7.56 22.97 -5.99
CA CYS A 453 -8.45 23.51 -4.97
C CYS A 453 -9.86 23.60 -5.53
N ILE A 454 -10.81 22.93 -4.88
CA ILE A 454 -12.21 23.06 -5.21
C ILE A 454 -12.82 24.11 -4.29
N GLU A 455 -13.25 25.22 -4.88
CA GLU A 455 -13.83 26.35 -4.15
C GLU A 455 -12.81 26.82 -3.13
N ASN A 456 -13.11 26.79 -1.83
CA ASN A 456 -12.20 27.31 -0.82
C ASN A 456 -11.22 26.26 -0.30
N SER A 457 -11.41 24.99 -0.62
CA SER A 457 -10.68 23.89 -0.03
C SER A 457 -9.78 23.22 -1.08
N CYS A 458 -8.59 22.82 -0.66
CA CYS A 458 -7.63 22.22 -1.58
C CYS A 458 -7.45 20.74 -1.27
N MET A 459 -7.14 19.98 -2.31
CA MET A 459 -7.04 18.52 -2.21
C MET A 459 -5.76 18.10 -1.53
N GLU A 460 -5.84 17.00 -0.78
CA GLU A 460 -4.67 16.30 -0.28
C GLU A 460 -4.44 15.05 -1.12
N LYS A 461 -3.36 14.35 -0.80
CA LYS A 461 -3.08 13.06 -1.40
C LYS A 461 -4.03 12.00 -0.84
N GLY A 462 -4.12 10.88 -1.55
CA GLY A 462 -4.94 9.77 -1.10
C GLY A 462 -6.27 9.58 -1.80
N SER A 463 -6.49 10.21 -2.96
CA SER A 463 -7.67 9.91 -3.76
C SER A 463 -7.70 8.44 -4.15
N LYS A 464 -8.91 7.88 -4.19
CA LYS A 464 -9.11 6.49 -4.56
C LYS A 464 -10.31 6.40 -5.50
N GLN A 465 -10.32 5.37 -6.35
CA GLN A 465 -11.43 5.08 -7.24
C GLN A 465 -12.00 3.71 -6.90
N GLY A 466 -13.32 3.64 -6.73
CA GLY A 466 -14.01 2.42 -6.43
C GLY A 466 -14.81 1.89 -7.61
N ARG A 467 -15.71 0.96 -7.32
CA ARG A 467 -16.58 0.41 -8.35
C ARG A 467 -17.55 1.47 -8.88
N ASN A 468 -18.34 2.05 -7.98
CA ASN A 468 -19.39 2.98 -8.38
C ASN A 468 -18.99 4.45 -8.26
N GLY A 469 -17.75 4.77 -7.92
CA GLY A 469 -17.37 6.17 -7.85
C GLY A 469 -15.94 6.37 -7.41
N ALA A 470 -15.67 7.60 -6.97
CA ALA A 470 -14.33 7.98 -6.53
C ALA A 470 -14.43 8.90 -5.32
N ILE A 471 -13.34 9.02 -4.58
CA ILE A 471 -13.28 9.80 -3.36
C ILE A 471 -11.99 10.61 -3.33
N HIS A 472 -12.09 11.87 -2.90
CA HIS A 472 -10.95 12.75 -2.75
C HIS A 472 -10.96 13.32 -1.34
N ILE A 473 -9.79 13.78 -0.89
CA ILE A 473 -9.60 14.21 0.49
C ILE A 473 -9.25 15.69 0.49
N PHE A 474 -9.89 16.45 1.38
CA PHE A 474 -9.70 17.89 1.46
C PHE A 474 -9.28 18.30 2.86
N ARG A 475 -8.50 19.38 2.92
CA ARG A 475 -8.02 19.89 4.20
C ARG A 475 -9.10 20.65 4.95
N GLU A 476 -10.06 21.23 4.25
CA GLU A 476 -11.10 22.07 4.83
C GLU A 476 -12.46 21.64 4.31
N ILE A 477 -13.51 22.13 4.97
CA ILE A 477 -14.87 21.93 4.51
C ILE A 477 -15.14 22.86 3.34
N ILE A 478 -15.72 22.31 2.27
CA ILE A 478 -16.01 23.09 1.07
C ILE A 478 -17.26 23.93 1.32
N LYS A 479 -17.12 25.24 1.14
CA LYS A 479 -18.20 26.20 1.36
C LYS A 479 -18.32 27.06 0.11
N PRO A 480 -19.18 26.67 -0.84
CA PRO A 480 -19.37 27.48 -2.05
C PRO A 480 -19.71 28.93 -1.70
N ALA A 481 -19.00 29.85 -2.35
CA ALA A 481 -19.17 31.27 -2.04
C ALA A 481 -20.53 31.75 -2.52
N GLU A 482 -21.27 32.38 -1.60
CA GLU A 482 -22.62 32.85 -1.92
C GLU A 482 -22.69 34.30 -2.37
N LYS A 483 -21.61 35.07 -2.24
CA LYS A 483 -21.63 36.50 -2.52
C LYS A 483 -20.62 36.84 -3.60
N SER A 484 -20.96 37.82 -4.43
CA SER A 484 -20.09 38.22 -5.53
C SER A 484 -19.04 39.21 -5.04
N LEU A 485 -18.16 39.63 -5.95
CA LEU A 485 -17.16 40.64 -5.61
C LEU A 485 -17.83 41.93 -5.16
N HIS A 486 -18.78 42.43 -5.97
CA HIS A 486 -19.46 43.68 -5.63
C HIS A 486 -20.17 43.59 -4.29
N GLU A 487 -20.87 42.47 -4.05
CA GLU A 487 -21.59 42.31 -2.79
C GLU A 487 -20.63 42.29 -1.61
N LYS A 488 -19.53 41.54 -1.72
CA LYS A 488 -18.54 41.53 -0.64
C LYS A 488 -17.93 42.90 -0.44
N LEU A 489 -17.85 43.71 -1.51
CA LEU A 489 -17.27 45.03 -1.40
C LEU A 489 -18.20 46.00 -0.67
N LYS A 490 -19.46 46.05 -1.07
CA LYS A 490 -20.38 47.04 -0.51
C LYS A 490 -20.88 46.66 0.89
N GLN A 491 -20.63 45.45 1.36
CA GLN A 491 -21.08 45.03 2.68
C GLN A 491 -20.08 45.33 3.78
N ASP A 492 -18.88 45.81 3.44
CA ASP A 492 -17.89 46.22 4.43
C ASP A 492 -17.58 47.70 4.23
N LYS A 493 -17.55 48.44 5.34
CA LYS A 493 -17.35 49.87 5.26
C LYS A 493 -15.90 50.22 4.94
N ARG A 494 -14.95 49.42 5.43
CA ARG A 494 -13.54 49.73 5.24
C ARG A 494 -13.14 49.74 3.76
N PHE A 495 -13.96 49.17 2.89
CA PHE A 495 -13.67 49.14 1.46
C PHE A 495 -14.35 50.27 0.69
N SER A 496 -15.15 51.11 1.37
CA SER A 496 -16.09 51.99 0.69
C SER A 496 -15.41 52.85 -0.38
N THR A 497 -14.39 53.60 0.02
CA THR A 497 -13.67 54.46 -0.94
C THR A 497 -13.24 53.67 -2.16
N PHE A 498 -12.57 52.54 -1.92
CA PHE A 498 -12.08 51.74 -3.05
C PHE A 498 -13.22 51.35 -3.96
N LEU A 499 -14.35 50.92 -3.39
CA LEU A 499 -15.50 50.53 -4.22
C LEU A 499 -15.90 51.68 -5.13
N SER A 500 -15.95 52.91 -4.59
CA SER A 500 -16.27 54.07 -5.42
C SER A 500 -15.35 54.12 -6.63
N LEU A 501 -14.04 53.99 -6.40
CA LEU A 501 -13.09 54.02 -7.49
C LEU A 501 -13.39 52.92 -8.50
N LEU A 502 -13.69 51.71 -8.01
CA LEU A 502 -14.03 50.62 -8.93
C LEU A 502 -15.27 50.95 -9.73
N GLU A 503 -16.23 51.64 -9.11
CA GLU A 503 -17.41 52.08 -9.86
C GLU A 503 -17.07 53.27 -10.75
N ALA A 504 -16.11 54.10 -10.35
CA ALA A 504 -15.65 55.18 -11.21
C ALA A 504 -14.94 54.66 -12.45
N ALA A 505 -14.37 53.46 -12.37
CA ALA A 505 -13.70 52.82 -13.50
C ALA A 505 -14.67 52.05 -14.38
N ASP A 506 -15.96 52.08 -14.08
CA ASP A 506 -16.99 51.35 -14.82
C ASP A 506 -16.80 49.84 -14.68
N LEU A 507 -16.24 49.40 -13.55
CA LEU A 507 -16.00 47.99 -13.29
C LEU A 507 -17.11 47.33 -12.50
N LYS A 508 -18.18 48.07 -12.16
CA LYS A 508 -19.28 47.48 -11.42
C LYS A 508 -19.88 46.29 -12.15
N GLU A 509 -20.06 46.42 -13.46
CA GLU A 509 -20.63 45.33 -14.25
C GLU A 509 -19.75 44.08 -14.21
N LEU A 510 -18.43 44.27 -14.13
CA LEU A 510 -17.53 43.14 -14.00
C LEU A 510 -17.64 42.50 -12.62
N LEU A 511 -17.80 43.31 -11.57
CA LEU A 511 -17.88 42.77 -10.22
C LEU A 511 -19.22 42.09 -9.96
N THR A 512 -20.27 42.50 -10.67
CA THR A 512 -21.59 41.90 -10.49
C THR A 512 -21.72 40.59 -11.26
N GLN A 513 -21.20 40.54 -12.48
CA GLN A 513 -21.39 39.40 -13.36
C GLN A 513 -20.35 38.30 -13.08
N PRO A 514 -20.64 37.06 -13.47
CA PRO A 514 -19.70 35.98 -13.20
C PRO A 514 -18.41 36.12 -13.99
N GLY A 515 -17.38 35.45 -13.47
CA GLY A 515 -16.06 35.48 -14.06
C GLY A 515 -15.05 34.87 -13.12
N ASP A 516 -13.78 35.05 -13.47
CA ASP A 516 -12.66 34.60 -12.63
C ASP A 516 -11.71 35.76 -12.44
N TRP A 517 -11.56 36.22 -11.20
CA TRP A 517 -10.76 37.41 -10.92
C TRP A 517 -10.05 37.27 -9.58
N THR A 518 -8.90 37.93 -9.48
CA THR A 518 -8.16 38.09 -8.24
C THR A 518 -8.08 39.58 -7.98
N LEU A 519 -8.70 40.02 -6.90
CA LEU A 519 -8.81 41.44 -6.60
C LEU A 519 -8.19 41.73 -5.25
N PHE A 520 -7.27 42.69 -5.22
CA PHE A 520 -6.66 43.16 -3.98
C PHE A 520 -7.36 44.46 -3.58
N VAL A 521 -7.95 44.46 -2.39
CA VAL A 521 -8.77 45.57 -1.94
C VAL A 521 -8.01 46.30 -0.84
N PRO A 522 -7.50 47.51 -1.09
CA PRO A 522 -6.97 48.33 -0.01
C PRO A 522 -8.09 48.89 0.87
N THR A 523 -7.88 48.81 2.18
CA THR A 523 -8.84 49.36 3.12
C THR A 523 -8.84 50.89 3.04
N ASN A 524 -9.92 51.50 3.53
CA ASN A 524 -9.95 52.95 3.66
C ASN A 524 -8.80 53.48 4.51
N ASP A 525 -8.24 52.64 5.38
CA ASP A 525 -7.04 53.02 6.12
C ASP A 525 -5.87 53.35 5.19
N ALA A 526 -5.84 52.74 4.00
CA ALA A 526 -4.77 53.03 3.05
C ALA A 526 -4.98 54.37 2.36
N PHE A 527 -6.24 54.71 2.05
CA PHE A 527 -6.51 55.99 1.43
C PHE A 527 -6.41 57.13 2.44
N LYS A 528 -6.64 56.85 3.72
CA LYS A 528 -6.48 57.87 4.75
C LYS A 528 -5.01 58.23 4.98
N GLY A 529 -4.08 57.35 4.57
CA GLY A 529 -2.68 57.70 4.58
C GLY A 529 -2.32 58.82 3.63
N MET A 530 -3.18 59.08 2.65
CA MET A 530 -3.02 60.21 1.73
C MET A 530 -3.74 61.46 2.20
N THR A 531 -4.47 61.38 3.32
CA THR A 531 -5.16 62.51 3.93
C THR A 531 -6.18 63.15 3.00
N SER A 532 -6.71 62.36 2.06
CA SER A 532 -7.83 62.75 1.20
C SER A 532 -7.47 63.84 0.19
N GLU A 533 -6.29 64.46 0.34
CA GLU A 533 -5.87 65.47 -0.63
C GLU A 533 -5.37 64.81 -1.91
N GLU A 534 -4.69 63.67 -1.80
CA GLU A 534 -4.32 62.89 -2.98
C GLU A 534 -5.53 62.24 -3.63
N LYS A 535 -6.70 62.25 -2.97
CA LYS A 535 -7.92 61.77 -3.59
C LYS A 535 -8.48 62.80 -4.57
N GLU A 536 -8.37 64.09 -4.25
CA GLU A 536 -8.68 65.13 -5.22
C GLU A 536 -7.55 65.33 -6.22
N ILE A 537 -6.31 65.02 -5.84
CA ILE A 537 -5.20 65.11 -6.78
C ILE A 537 -5.32 64.04 -7.86
N LEU A 538 -5.52 62.78 -7.45
CA LEU A 538 -5.69 61.70 -8.40
C LEU A 538 -7.10 61.65 -8.98
N ILE A 539 -8.06 62.34 -8.35
CA ILE A 539 -9.41 62.41 -8.92
C ILE A 539 -9.43 63.26 -10.18
N ARG A 540 -8.43 64.12 -10.38
CA ARG A 540 -8.34 64.91 -11.59
C ARG A 540 -7.93 64.07 -12.79
N ASP A 541 -7.06 63.08 -12.57
CA ASP A 541 -6.63 62.21 -13.66
C ASP A 541 -7.68 61.15 -13.93
N LYS A 542 -8.23 61.15 -15.15
CA LYS A 542 -9.11 60.08 -15.57
C LYS A 542 -8.32 58.86 -16.02
N ASN A 543 -7.18 59.08 -16.69
CA ASN A 543 -6.40 57.98 -17.22
C ASN A 543 -5.57 57.29 -16.16
N ALA A 544 -4.93 58.06 -15.26
CA ALA A 544 -4.08 57.46 -14.24
C ALA A 544 -4.89 56.66 -13.22
N LEU A 545 -6.14 57.05 -12.98
CA LEU A 545 -7.00 56.26 -12.10
C LEU A 545 -7.28 54.89 -12.70
N GLN A 546 -7.39 54.81 -14.02
CA GLN A 546 -7.59 53.51 -14.67
C GLN A 546 -6.38 52.60 -14.46
N ASN A 547 -5.16 53.16 -14.53
CA ASN A 547 -3.97 52.36 -14.30
C ASN A 547 -3.87 51.92 -12.85
N ILE A 548 -3.95 52.89 -11.92
CA ILE A 548 -3.81 52.57 -10.49
C ILE A 548 -4.86 51.55 -10.06
N ILE A 549 -6.10 51.70 -10.56
CA ILE A 549 -7.16 50.77 -10.19
C ILE A 549 -6.94 49.41 -10.86
N LEU A 550 -6.76 49.40 -12.18
CA LEU A 550 -6.65 48.14 -12.90
C LEU A 550 -5.42 47.33 -12.51
N TYR A 551 -4.43 47.95 -11.87
CA TYR A 551 -3.31 47.17 -11.37
C TYR A 551 -3.72 46.23 -10.24
N HIS A 552 -4.80 46.55 -9.53
CA HIS A 552 -5.25 45.74 -8.40
C HIS A 552 -6.12 44.56 -8.81
N LEU A 553 -6.37 44.39 -10.11
CA LEU A 553 -7.22 43.32 -10.61
C LEU A 553 -6.40 42.44 -11.56
N THR A 554 -6.60 41.12 -11.44
CA THR A 554 -5.90 40.15 -12.28
C THR A 554 -6.89 39.10 -12.76
N PRO A 555 -6.80 38.69 -14.02
CA PRO A 555 -7.71 37.64 -14.50
C PRO A 555 -7.39 36.29 -13.88
N GLY A 556 -8.43 35.53 -13.58
CA GLY A 556 -8.25 34.24 -12.95
C GLY A 556 -8.18 34.34 -11.44
N VAL A 557 -8.54 33.23 -10.78
CA VAL A 557 -8.60 33.15 -9.33
C VAL A 557 -7.31 32.52 -8.82
N PHE A 558 -6.55 33.28 -8.03
CA PHE A 558 -5.31 32.79 -7.43
C PHE A 558 -5.41 32.93 -5.92
N ILE A 559 -5.39 31.81 -5.22
CA ILE A 559 -5.55 31.78 -3.77
C ILE A 559 -4.25 31.31 -3.15
N GLY A 560 -3.97 31.81 -1.93
CA GLY A 560 -2.69 31.55 -1.30
C GLY A 560 -2.48 30.08 -0.96
N LYS A 561 -3.55 29.35 -0.65
CA LYS A 561 -3.42 27.94 -0.31
C LYS A 561 -2.90 27.13 -1.50
N GLY A 562 -3.15 27.60 -2.72
CA GLY A 562 -2.76 26.85 -3.90
C GLY A 562 -1.31 27.03 -4.32
N PHE A 563 -0.70 28.13 -3.92
CA PHE A 563 0.71 28.35 -4.23
C PHE A 563 1.58 27.32 -3.52
N GLU A 564 2.77 27.10 -4.08
CA GLU A 564 3.78 26.34 -3.35
C GLU A 564 4.52 27.28 -2.41
N PRO A 565 4.74 26.89 -1.15
CA PRO A 565 5.30 27.83 -0.17
C PRO A 565 6.69 28.32 -0.58
N GLY A 566 6.94 29.60 -0.30
CA GLY A 566 8.22 30.22 -0.57
C GLY A 566 8.44 30.68 -1.99
N VAL A 567 7.64 30.23 -2.94
CA VAL A 567 7.84 30.54 -4.35
C VAL A 567 7.09 31.82 -4.70
N THR A 568 7.81 32.75 -5.32
CA THR A 568 7.20 33.97 -5.83
C THR A 568 6.46 33.68 -7.13
N ASN A 569 5.26 34.24 -7.27
CA ASN A 569 4.39 34.00 -8.42
C ASN A 569 4.29 35.27 -9.24
N ILE A 570 4.69 35.18 -10.50
CA ILE A 570 4.64 36.32 -11.42
C ILE A 570 3.32 36.23 -12.16
N LEU A 571 2.44 37.19 -11.90
CA LEU A 571 1.13 37.25 -12.54
C LEU A 571 1.00 38.56 -13.30
N LYS A 572 0.30 38.51 -14.43
CA LYS A 572 0.08 39.69 -15.25
C LYS A 572 -1.30 40.25 -14.91
N THR A 573 -1.31 41.45 -14.30
CA THR A 573 -2.56 42.11 -13.96
C THR A 573 -3.29 42.56 -15.23
N THR A 574 -4.59 42.80 -15.08
CA THR A 574 -5.37 43.32 -16.20
C THR A 574 -4.87 44.68 -16.66
N GLN A 575 -4.06 45.36 -15.84
CA GLN A 575 -3.37 46.58 -16.28
C GLN A 575 -2.19 46.26 -17.20
N GLY A 576 -1.65 45.05 -17.11
CA GLY A 576 -0.54 44.60 -17.95
C GLY A 576 0.81 44.57 -17.26
N SER A 577 1.00 45.33 -16.18
CA SER A 577 2.24 45.24 -15.42
C SER A 577 2.21 44.04 -14.48
N LYS A 578 3.40 43.53 -14.15
CA LYS A 578 3.50 42.32 -13.35
C LYS A 578 3.24 42.60 -11.89
N ILE A 579 2.71 41.59 -11.20
CA ILE A 579 2.51 41.61 -9.75
C ILE A 579 2.97 40.26 -9.21
N PHE A 580 3.48 40.27 -7.98
CA PHE A 580 4.16 39.12 -7.40
C PHE A 580 3.41 38.67 -6.15
N LEU A 581 3.09 37.37 -6.10
CA LEU A 581 2.36 36.78 -4.97
C LEU A 581 3.18 35.64 -4.39
N LYS A 582 3.51 35.74 -3.10
CA LYS A 582 4.33 34.74 -2.42
C LYS A 582 3.65 34.37 -1.12
N GLU A 583 3.27 33.09 -0.98
CA GLU A 583 2.64 32.61 0.25
C GLU A 583 3.71 32.03 1.16
N VAL A 584 3.91 32.65 2.31
CA VAL A 584 4.90 32.22 3.29
C VAL A 584 4.24 32.12 4.65
N ASN A 585 4.41 30.97 5.31
CA ASN A 585 3.81 30.71 6.62
C ASN A 585 2.30 30.89 6.58
N ASP A 586 1.68 30.42 5.51
CA ASP A 586 0.23 30.52 5.29
C ASP A 586 -0.24 31.97 5.29
N THR A 587 0.66 32.90 4.94
CA THR A 587 0.36 34.31 4.84
C THR A 587 0.70 34.79 3.43
N LEU A 588 -0.27 35.41 2.76
CA LEU A 588 -0.06 35.87 1.40
C LEU A 588 0.67 37.21 1.41
N LEU A 589 1.73 37.30 0.62
CA LEU A 589 2.53 38.51 0.46
C LEU A 589 2.40 38.98 -0.98
N VAL A 590 1.82 40.14 -1.17
CA VAL A 590 1.68 40.75 -2.49
C VAL A 590 2.73 41.84 -2.63
N ASN A 591 3.65 41.67 -3.59
CA ASN A 591 4.80 42.56 -3.76
C ASN A 591 5.57 42.72 -2.45
N GLU A 592 5.77 41.60 -1.76
CA GLU A 592 6.53 41.56 -0.50
C GLU A 592 5.90 42.46 0.56
N LEU A 593 4.57 42.49 0.58
CA LEU A 593 3.80 43.22 1.59
C LEU A 593 2.76 42.26 2.15
N LYS A 594 2.80 42.05 3.47
CA LYS A 594 1.89 41.11 4.10
C LYS A 594 0.44 41.61 4.00
N SER A 595 -0.44 40.75 3.49
CA SER A 595 -1.85 41.08 3.42
C SER A 595 -2.51 40.87 4.77
N LYS A 596 -3.55 41.68 5.04
CA LYS A 596 -4.27 41.55 6.29
C LYS A 596 -5.13 40.30 6.26
N GLU A 597 -6.16 40.31 5.41
CA GLU A 597 -7.00 39.15 5.18
C GLU A 597 -6.67 38.56 3.82
N SER A 598 -6.69 37.24 3.72
CA SER A 598 -6.38 36.61 2.46
C SER A 598 -7.32 35.46 2.15
N ASP A 599 -7.45 35.19 0.88
CA ASP A 599 -8.29 34.10 0.35
C ASP A 599 -9.75 34.27 0.74
N ILE A 600 -10.32 35.43 0.43
CA ILE A 600 -11.74 35.67 0.68
C ILE A 600 -12.51 35.30 -0.58
N MET A 601 -13.28 34.22 -0.52
CA MET A 601 -13.88 33.66 -1.73
C MET A 601 -15.17 34.39 -2.05
N THR A 602 -15.33 34.76 -3.32
CA THR A 602 -16.59 35.25 -3.86
C THR A 602 -17.01 34.35 -5.02
N THR A 603 -18.16 34.67 -5.61
CA THR A 603 -18.67 33.82 -6.69
C THR A 603 -17.86 34.02 -7.97
N ASN A 604 -17.56 35.27 -8.30
CA ASN A 604 -16.84 35.62 -9.53
C ASN A 604 -15.35 35.85 -9.31
N GLY A 605 -14.83 35.64 -8.11
CA GLY A 605 -13.41 35.84 -7.90
C GLY A 605 -12.98 35.61 -6.48
N VAL A 606 -11.80 36.14 -6.14
CA VAL A 606 -11.22 36.06 -4.81
C VAL A 606 -10.71 37.44 -4.41
N ILE A 607 -10.77 37.72 -3.11
CA ILE A 607 -10.41 39.01 -2.55
C ILE A 607 -9.25 38.81 -1.58
N HIS A 608 -8.21 39.63 -1.73
CA HIS A 608 -7.12 39.71 -0.76
C HIS A 608 -7.05 41.14 -0.26
N VAL A 609 -7.20 41.31 1.06
CA VAL A 609 -7.22 42.63 1.66
C VAL A 609 -5.78 43.05 1.97
N VAL A 610 -5.42 44.25 1.54
CA VAL A 610 -4.06 44.74 1.67
C VAL A 610 -4.05 45.99 2.56
N ASP A 611 -2.89 46.22 3.18
CA ASP A 611 -2.73 47.33 4.10
C ASP A 611 -2.55 48.66 3.38
N LYS A 612 -1.76 48.66 2.30
CA LYS A 612 -1.41 49.87 1.59
C LYS A 612 -1.83 49.76 0.12
N LEU A 613 -1.90 50.91 -0.54
CA LEU A 613 -2.26 50.93 -1.96
C LEU A 613 -1.11 50.41 -2.80
N LEU A 614 -1.45 49.59 -3.79
CA LEU A 614 -0.45 48.91 -4.61
C LEU A 614 -0.12 49.71 -5.86
N TYR A 615 1.18 49.74 -6.20
CA TYR A 615 1.66 50.39 -7.39
C TYR A 615 2.57 49.43 -8.16
N PRO A 616 2.56 49.48 -9.49
CA PRO A 616 3.41 48.54 -10.25
C PRO A 616 4.89 48.71 -9.98
N ALA A 617 5.37 49.96 -9.87
CA ALA A 617 6.77 50.25 -9.58
C ALA A 617 7.72 49.55 -10.55
#